data_4LIT
#
_entry.id   4LIT
#
_cell.length_a   74.140
_cell.length_b   74.140
_cell.length_c   208.860
_cell.angle_alpha   90.000
_cell.angle_beta   90.000
_cell.angle_gamma   90.000
#
_symmetry.space_group_name_H-M   'P 43 21 2'
#
loop_
_entity.id
_entity.type
_entity.pdbx_description
1 polymer '50S ribosomal protein L16 arginine hydroxylase'
2 non-polymer 'COBALT (II) ION'
3 non-polymer '2-OXOGLUTARIC ACID'
4 water water
#
_entity_poly.entity_id   1
_entity_poly.type   'polypeptide(L)'
_entity_poly.pdbx_seq_one_letter_code
;MGSSHHHHHHSSGLVPRGSHMASMTGGEEMGRGSMEYQLTLNWPDFLERHWQKRPVVLKRGFNNFIDPISPDELAGLAME
SEVDSRLVSHQDGKWQVSHGPFESYDHLGETNWSLLVQAVNHWHEPTAALMRPFRELPDWRIDDLMISFSVPGGGVGPHL
DQYDVFIIQGTGRRRWRVGEKLQMKQHCPHPDLLQVDPFEAIIDEELEPGDILYIPPGFPHEGYALENAMNYSVGFRAPN
TRELISGFADYVLQRELGGNYYSDPDVPPRAHPADVLPQEMDKLREMMLELINQPEHFKQWFGEFISQSRHELDIAPPEP
PYQPDEIYDALKQGEVLVRLGGLRVLRIGDDVYANGEKIDSPHRPALDALASNIALTAENFGDALEDPSFLAMLAALVNS
GYWFFEG
;
_entity_poly.pdbx_strand_id   A
#
# COMPACT_ATOMS: atom_id res chain seq x y z
N GLU A 36 -2.72 0.89 21.22
CA GLU A 36 -2.10 0.36 20.01
C GLU A 36 -2.18 -1.16 19.93
N TYR A 37 -2.37 -1.67 18.72
CA TYR A 37 -2.31 -3.10 18.46
C TYR A 37 -0.89 -3.62 18.59
N GLN A 38 -0.73 -4.79 19.20
CA GLN A 38 0.60 -5.33 19.43
C GLN A 38 0.76 -6.80 19.04
N LEU A 39 1.61 -7.05 18.06
CA LEU A 39 1.94 -8.39 17.63
C LEU A 39 2.72 -9.16 18.69
N THR A 40 2.42 -10.44 18.84
CA THR A 40 3.17 -11.32 19.73
C THR A 40 4.23 -12.11 18.95
N LEU A 41 4.34 -11.80 17.67
CA LEU A 41 5.21 -12.50 16.75
C LEU A 41 6.70 -12.43 17.13
N ASN A 42 7.42 -13.53 16.90
CA ASN A 42 8.89 -13.48 16.88
C ASN A 42 9.34 -13.03 15.49
N TRP A 43 9.71 -11.77 15.35
CA TRP A 43 10.00 -11.21 14.01
C TRP A 43 11.21 -11.80 13.31
N PRO A 44 12.37 -11.94 14.00
CA PRO A 44 13.49 -12.60 13.30
C PRO A 44 13.12 -14.00 12.81
N ASP A 45 12.39 -14.78 13.61
CA ASP A 45 11.90 -16.08 13.14
C ASP A 45 11.05 -15.96 11.90
N PHE A 46 10.06 -15.07 11.94
CA PHE A 46 9.15 -14.93 10.82
C PHE A 46 9.90 -14.54 9.55
N LEU A 47 10.84 -13.63 9.68
CA LEU A 47 11.62 -13.15 8.54
C LEU A 47 12.49 -14.27 7.97
N GLU A 48 13.20 -14.96 8.85
CA GLU A 48 14.07 -16.06 8.45
C GLU A 48 13.34 -17.25 7.80
N ARG A 49 12.16 -17.60 8.31
CA ARG A 49 11.50 -18.85 7.90
C ARG A 49 10.28 -18.65 7.01
N HIS A 50 9.65 -17.50 7.08
CA HIS A 50 8.37 -17.34 6.37
C HIS A 50 8.27 -16.25 5.31
N TRP A 51 8.76 -15.05 5.62
CA TRP A 51 8.64 -13.91 4.72
C TRP A 51 9.07 -14.27 3.31
N GLN A 52 8.13 -14.19 2.37
CA GLN A 52 8.40 -14.48 0.96
C GLN A 52 8.95 -15.89 0.77
N LYS A 53 8.59 -16.80 1.67
CA LYS A 53 9.06 -18.20 1.58
C LYS A 53 7.94 -19.19 1.87
N ARG A 54 7.24 -19.01 2.98
CA ARG A 54 6.28 -20.02 3.40
C ARG A 54 5.12 -19.46 4.21
N PRO A 55 3.89 -19.83 3.83
CA PRO A 55 2.69 -19.40 4.55
C PRO A 55 2.69 -19.95 5.97
N VAL A 56 1.95 -19.29 6.87
CA VAL A 56 1.90 -19.76 8.26
C VAL A 56 0.74 -19.12 9.01
N VAL A 57 0.06 -19.90 9.84
CA VAL A 57 -0.91 -19.34 10.77
C VAL A 57 -0.19 -18.86 12.02
N LEU A 58 -0.26 -17.57 12.28
CA LEU A 58 0.24 -17.01 13.52
C LEU A 58 -0.89 -17.04 14.55
N LYS A 59 -1.00 -18.13 15.31
CA LYS A 59 -2.01 -18.25 16.35
C LYS A 59 -1.83 -17.16 17.39
N ARG A 60 -2.93 -16.49 17.73
CA ARG A 60 -2.91 -15.44 18.74
C ARG A 60 -1.86 -14.37 18.42
N GLY A 61 -1.75 -14.01 17.14
CA GLY A 61 -0.88 -12.91 16.73
C GLY A 61 -1.21 -11.65 17.51
N PHE A 62 -2.50 -11.41 17.69
CA PHE A 62 -2.97 -10.36 18.58
C PHE A 62 -3.70 -10.99 19.74
N ASN A 63 -3.45 -10.49 20.95
CA ASN A 63 -4.15 -10.95 22.11
C ASN A 63 -5.36 -10.07 22.39
N ASN A 64 -6.45 -10.69 22.83
CA ASN A 64 -7.71 -10.00 23.08
C ASN A 64 -8.06 -9.05 21.95
N PHE A 65 -8.05 -9.57 20.72
CA PHE A 65 -8.30 -8.75 19.55
C PHE A 65 -9.67 -8.07 19.60
N ILE A 66 -9.64 -6.75 19.50
CA ILE A 66 -10.85 -5.95 19.36
C ILE A 66 -10.87 -5.37 17.95
N ASP A 67 -11.99 -5.58 17.25
CA ASP A 67 -12.15 -5.07 15.89
C ASP A 67 -12.19 -3.55 15.95
N PRO A 68 -11.49 -2.89 15.00
CA PRO A 68 -11.44 -1.42 14.86
C PRO A 68 -12.69 -0.86 14.16
N ILE A 69 -13.47 -1.74 13.54
CA ILE A 69 -14.65 -1.32 12.81
C ILE A 69 -15.69 -2.46 12.84
N SER A 70 -16.97 -2.09 12.80
CA SER A 70 -18.07 -3.04 12.86
C SER A 70 -18.57 -3.35 11.45
N PRO A 71 -19.21 -4.52 11.27
CA PRO A 71 -19.82 -4.89 9.99
C PRO A 71 -20.73 -3.81 9.44
N ASP A 72 -21.54 -3.20 10.29
CA ASP A 72 -22.45 -2.13 9.88
C ASP A 72 -21.71 -0.92 9.35
N GLU A 73 -20.68 -0.50 10.07
CA GLU A 73 -19.86 0.62 9.65
C GLU A 73 -19.20 0.31 8.31
N LEU A 74 -18.73 -0.93 8.16
CA LEU A 74 -18.13 -1.35 6.90
C LEU A 74 -19.13 -1.22 5.74
N ALA A 75 -20.34 -1.70 5.97
CA ALA A 75 -21.39 -1.61 4.97
C ALA A 75 -21.66 -0.14 4.60
N GLY A 76 -21.73 0.70 5.64
CA GLY A 76 -21.95 2.12 5.47
C GLY A 76 -20.89 2.73 4.58
N LEU A 77 -19.64 2.38 4.87
CA LEU A 77 -18.51 2.83 4.09
C LEU A 77 -18.66 2.40 2.64
N ALA A 78 -19.08 1.15 2.43
CA ALA A 78 -19.32 0.62 1.09
C ALA A 78 -20.48 1.32 0.38
N MET A 79 -21.31 2.04 1.14
CA MET A 79 -22.34 2.87 0.50
C MET A 79 -21.79 4.14 -0.18
N GLU A 80 -20.55 4.51 0.14
CA GLU A 80 -19.95 5.74 -0.41
C GLU A 80 -19.26 5.52 -1.75
N SER A 81 -19.35 6.50 -2.64
CA SER A 81 -18.86 6.39 -4.02
C SER A 81 -17.35 6.39 -4.16
N GLU A 82 -16.67 7.13 -3.29
CA GLU A 82 -15.22 7.25 -3.31
C GLU A 82 -14.54 5.94 -2.93
N VAL A 83 -15.33 5.01 -2.39
CA VAL A 83 -14.80 3.78 -1.82
C VAL A 83 -14.90 2.62 -2.80
N ASP A 84 -13.80 1.88 -2.95
CA ASP A 84 -13.77 0.72 -3.81
C ASP A 84 -14.21 -0.53 -3.05
N SER A 85 -15.36 -1.09 -3.41
CA SER A 85 -15.86 -2.30 -2.74
C SER A 85 -16.55 -3.25 -3.69
N ARG A 86 -16.77 -4.48 -3.24
CA ARG A 86 -17.51 -5.46 -4.01
C ARG A 86 -18.24 -6.46 -3.14
N LEU A 87 -19.33 -6.99 -3.67
CA LEU A 87 -20.11 -8.05 -3.02
C LEU A 87 -19.97 -9.32 -3.83
N VAL A 88 -19.58 -10.41 -3.19
CA VAL A 88 -19.41 -11.67 -3.89
C VAL A 88 -20.32 -12.74 -3.31
N SER A 89 -21.04 -13.41 -4.20
CA SER A 89 -22.06 -14.40 -3.86
C SER A 89 -21.80 -15.69 -4.61
N HIS A 90 -22.30 -16.79 -4.06
CA HIS A 90 -22.32 -18.04 -4.80
C HIS A 90 -23.57 -18.83 -4.44
N GLN A 91 -24.30 -19.26 -5.46
CA GLN A 91 -25.46 -20.09 -5.27
C GLN A 91 -25.51 -21.12 -6.38
N ASP A 92 -25.76 -22.37 -6.01
CA ASP A 92 -25.92 -23.46 -6.96
C ASP A 92 -24.77 -23.52 -7.97
N GLY A 93 -23.55 -23.46 -7.46
CA GLY A 93 -22.38 -23.60 -8.31
C GLY A 93 -21.95 -22.35 -9.07
N LYS A 94 -22.78 -21.32 -9.08
CA LYS A 94 -22.46 -20.14 -9.90
C LYS A 94 -22.18 -18.88 -9.08
N TRP A 95 -21.05 -18.24 -9.40
CA TRP A 95 -20.61 -17.04 -8.70
C TRP A 95 -21.28 -15.77 -9.22
N GLN A 96 -21.28 -14.73 -8.40
CA GLN A 96 -21.75 -13.42 -8.83
C GLN A 96 -21.04 -12.31 -8.09
N VAL A 97 -20.53 -11.34 -8.85
CA VAL A 97 -19.82 -10.20 -8.29
C VAL A 97 -20.55 -8.89 -8.62
N SER A 98 -20.68 -8.03 -7.62
CA SER A 98 -21.24 -6.69 -7.84
C SER A 98 -20.27 -5.66 -7.30
N HIS A 99 -20.14 -4.53 -7.99
CA HIS A 99 -19.28 -3.47 -7.46
C HIS A 99 -20.05 -2.33 -6.81
N GLY A 100 -19.48 -1.77 -5.75
CA GLY A 100 -20.10 -0.67 -5.04
C GLY A 100 -19.95 0.61 -5.84
N PRO A 101 -20.54 1.72 -5.36
CA PRO A 101 -21.29 1.83 -4.10
C PRO A 101 -22.65 1.15 -4.17
N PHE A 102 -23.15 0.69 -3.01
CA PHE A 102 -24.42 0.00 -2.95
C PHE A 102 -25.46 0.89 -2.28
N GLU A 103 -26.63 1.02 -2.91
CA GLU A 103 -27.69 1.83 -2.35
C GLU A 103 -28.29 1.13 -1.13
N SER A 104 -28.28 -0.19 -1.15
CA SER A 104 -28.79 -0.97 -0.02
C SER A 104 -28.30 -2.41 -0.04
N TYR A 105 -28.72 -3.16 0.96
CA TYR A 105 -28.39 -4.57 1.07
C TYR A 105 -29.66 -5.35 1.39
N ASP A 106 -30.79 -4.66 1.27
CA ASP A 106 -32.12 -5.13 1.68
C ASP A 106 -32.34 -6.64 1.64
N HIS A 107 -31.97 -7.26 0.52
CA HIS A 107 -32.13 -8.71 0.38
C HIS A 107 -30.87 -9.33 -0.22
N LEU A 108 -30.09 -9.99 0.63
CA LEU A 108 -28.84 -10.60 0.21
C LEU A 108 -28.81 -12.08 0.53
N GLY A 109 -29.31 -12.44 1.70
CA GLY A 109 -29.26 -13.81 2.15
C GLY A 109 -28.59 -13.94 3.50
N GLU A 110 -28.76 -15.11 4.09
CA GLU A 110 -28.26 -15.43 5.41
C GLU A 110 -26.83 -15.95 5.25
N THR A 111 -26.53 -16.47 4.07
CA THR A 111 -25.30 -17.23 3.83
C THR A 111 -24.72 -16.96 2.45
N ASN A 112 -23.49 -17.44 2.24
CA ASN A 112 -22.86 -17.49 0.91
C ASN A 112 -22.62 -16.13 0.25
N TRP A 113 -22.27 -15.13 1.05
CA TRP A 113 -21.85 -13.87 0.47
C TRP A 113 -20.84 -13.15 1.33
N SER A 114 -20.14 -12.21 0.71
CA SER A 114 -19.13 -11.44 1.42
C SER A 114 -18.93 -10.07 0.80
N LEU A 115 -18.82 -9.06 1.66
CA LEU A 115 -18.53 -7.70 1.27
C LEU A 115 -17.04 -7.42 1.50
N LEU A 116 -16.34 -7.03 0.44
CA LEU A 116 -14.93 -6.73 0.53
C LEU A 116 -14.68 -5.29 0.13
N VAL A 117 -14.05 -4.55 1.03
CA VAL A 117 -13.75 -3.13 0.80
C VAL A 117 -12.26 -2.90 0.81
N GLN A 118 -11.75 -2.29 -0.26
CA GLN A 118 -10.33 -1.97 -0.38
C GLN A 118 -9.95 -0.72 0.44
N ALA A 119 -8.78 -0.77 1.05
CA ALA A 119 -8.14 0.43 1.60
C ALA A 119 -8.99 1.15 2.64
N VAL A 120 -9.54 0.40 3.59
CA VAL A 120 -10.40 1.00 4.61
C VAL A 120 -9.57 1.97 5.46
N ASN A 121 -8.27 1.70 5.53
CA ASN A 121 -7.35 2.59 6.20
C ASN A 121 -7.24 3.99 5.56
N HIS A 122 -7.77 4.14 4.35
CA HIS A 122 -7.82 5.47 3.72
C HIS A 122 -8.99 6.25 4.27
N TRP A 123 -9.94 5.55 4.89
CA TRP A 123 -11.23 6.13 5.24
C TRP A 123 -11.58 6.02 6.71
N HIS A 124 -10.82 5.24 7.47
CA HIS A 124 -11.17 4.96 8.85
C HIS A 124 -9.88 4.77 9.65
N GLU A 125 -9.60 5.71 10.54
CA GLU A 125 -8.36 5.73 11.33
C GLU A 125 -8.12 4.50 12.25
N PRO A 126 -9.17 4.08 13.02
CA PRO A 126 -8.94 2.90 13.88
C PRO A 126 -8.43 1.73 13.05
N THR A 127 -8.95 1.58 11.84
CA THR A 127 -8.48 0.57 10.91
C THR A 127 -6.99 0.75 10.54
N ALA A 128 -6.58 1.98 10.26
CA ALA A 128 -5.18 2.26 9.95
C ALA A 128 -4.25 1.85 11.10
N ALA A 129 -4.73 1.99 12.34
CA ALA A 129 -3.95 1.49 13.48
C ALA A 129 -3.52 -0.01 13.40
N LEU A 130 -4.27 -0.82 12.65
CA LEU A 130 -3.94 -2.24 12.51
C LEU A 130 -2.64 -2.45 11.73
N MET A 131 -2.25 -1.46 10.95
CA MET A 131 -1.09 -1.60 10.08
C MET A 131 0.23 -1.30 10.76
N ARG A 132 0.18 -0.51 11.83
CA ARG A 132 1.39 -0.11 12.55
C ARG A 132 2.31 -1.25 13.00
N PRO A 133 1.77 -2.33 13.61
CA PRO A 133 2.67 -3.38 14.10
C PRO A 133 3.49 -3.99 12.98
N PHE A 134 2.98 -3.90 11.75
CA PHE A 134 3.64 -4.50 10.58
C PHE A 134 4.74 -3.61 10.02
N ARG A 135 5.06 -2.52 10.70
CA ARG A 135 6.15 -1.66 10.25
C ARG A 135 7.53 -2.23 10.56
N GLU A 136 7.54 -3.48 11.04
CA GLU A 136 8.78 -4.24 11.13
C GLU A 136 9.23 -4.59 9.71
N LEU A 137 8.25 -4.65 8.81
CA LEU A 137 8.53 -4.71 7.39
C LEU A 137 8.54 -3.28 6.84
N PRO A 138 9.25 -3.03 5.73
CA PRO A 138 9.42 -1.65 5.24
C PRO A 138 8.14 -1.03 4.72
N ASP A 139 7.91 0.24 5.06
CA ASP A 139 6.78 1.00 4.54
C ASP A 139 6.64 0.91 3.02
N TRP A 140 7.75 1.00 2.29
CA TRP A 140 7.65 1.00 0.82
C TRP A 140 7.06 -0.29 0.25
N ARG A 141 7.12 -1.37 1.03
CA ARG A 141 6.63 -2.68 0.61
C ARG A 141 5.17 -2.88 1.02
N ILE A 142 4.70 -2.10 1.99
CA ILE A 142 3.33 -2.25 2.46
C ILE A 142 2.35 -1.55 1.54
N ASP A 143 1.17 -2.13 1.36
CA ASP A 143 0.16 -1.62 0.46
C ASP A 143 -0.96 -0.93 1.26
N ASP A 144 -2.14 -1.54 1.33
CA ASP A 144 -3.20 -0.99 2.16
C ASP A 144 -3.89 -2.10 2.97
N LEU A 145 -5.00 -1.74 3.60
CA LEU A 145 -5.74 -2.71 4.39
C LEU A 145 -7.14 -2.95 3.80
N MET A 146 -7.41 -4.20 3.43
CA MET A 146 -8.71 -4.56 2.85
C MET A 146 -9.54 -5.29 3.88
N ILE A 147 -10.80 -4.88 4.06
CA ILE A 147 -11.64 -5.57 5.03
C ILE A 147 -12.78 -6.34 4.38
N SER A 148 -12.93 -7.60 4.77
CA SER A 148 -14.08 -8.39 4.34
C SER A 148 -14.97 -8.71 5.51
N PHE A 149 -16.27 -8.66 5.26
CA PHE A 149 -17.25 -9.24 6.16
C PHE A 149 -17.95 -10.38 5.41
N SER A 150 -18.09 -11.52 6.06
CA SER A 150 -18.75 -12.66 5.43
C SER A 150 -19.69 -13.40 6.36
N VAL A 151 -20.84 -13.79 5.83
CA VAL A 151 -21.80 -14.61 6.54
C VAL A 151 -21.36 -16.04 6.23
N PRO A 152 -21.84 -17.03 7.00
CA PRO A 152 -21.35 -18.41 6.80
C PRO A 152 -21.43 -18.89 5.34
N GLY A 153 -20.32 -19.38 4.82
CA GLY A 153 -20.25 -19.77 3.43
C GLY A 153 -19.65 -18.69 2.55
N GLY A 154 -19.62 -17.45 3.05
CA GLY A 154 -19.14 -16.31 2.29
C GLY A 154 -17.64 -16.34 2.07
N GLY A 155 -17.22 -15.92 0.88
CA GLY A 155 -15.81 -15.92 0.52
C GLY A 155 -15.66 -15.76 -0.98
N VAL A 156 -14.43 -15.54 -1.44
CA VAL A 156 -14.19 -15.24 -2.86
C VAL A 156 -13.68 -16.43 -3.68
N GLY A 157 -13.54 -17.58 -3.03
CA GLY A 157 -13.14 -18.79 -3.73
C GLY A 157 -11.64 -18.95 -3.85
N PRO A 158 -11.21 -20.08 -4.43
CA PRO A 158 -9.80 -20.44 -4.56
C PRO A 158 -9.09 -19.51 -5.56
N HIS A 159 -7.96 -18.96 -5.17
CA HIS A 159 -7.20 -18.08 -6.05
C HIS A 159 -5.78 -17.92 -5.52
N LEU A 160 -4.93 -17.27 -6.30
CA LEU A 160 -3.63 -16.85 -5.79
C LEU A 160 -3.40 -15.37 -6.09
N ASP A 161 -2.56 -14.73 -5.29
CA ASP A 161 -2.25 -13.31 -5.47
C ASP A 161 -0.79 -13.11 -5.80
N GLN A 162 -0.47 -11.95 -6.36
CA GLN A 162 0.91 -11.63 -6.69
C GLN A 162 1.61 -10.85 -5.59
N TYR A 163 0.94 -10.67 -4.43
CA TYR A 163 1.48 -9.90 -3.31
C TYR A 163 1.39 -10.67 -1.98
N ASP A 164 2.31 -10.37 -1.06
CA ASP A 164 2.26 -10.90 0.31
C ASP A 164 1.04 -10.35 1.05
N VAL A 165 0.48 -11.16 1.96
CA VAL A 165 -0.66 -10.69 2.72
C VAL A 165 -0.69 -11.29 4.13
N PHE A 166 -1.06 -10.47 5.11
CA PHE A 166 -1.41 -10.97 6.46
C PHE A 166 -2.92 -10.84 6.60
N ILE A 167 -3.61 -11.96 6.78
CA ILE A 167 -5.04 -11.94 6.95
C ILE A 167 -5.35 -12.12 8.43
N ILE A 168 -5.82 -11.04 9.06
CA ILE A 168 -6.12 -11.04 10.47
C ILE A 168 -7.58 -11.42 10.70
N GLN A 169 -7.80 -12.44 11.53
CA GLN A 169 -9.15 -12.85 11.88
C GLN A 169 -9.70 -11.97 13.00
N GLY A 170 -10.83 -11.31 12.74
CA GLY A 170 -11.53 -10.56 13.77
C GLY A 170 -12.68 -11.39 14.32
N THR A 171 -13.83 -10.74 14.58
CA THR A 171 -14.99 -11.44 15.12
C THR A 171 -15.40 -12.59 14.20
N GLY A 172 -15.99 -13.62 14.78
CA GLY A 172 -16.37 -14.79 14.01
C GLY A 172 -15.21 -15.72 13.75
N ARG A 173 -15.39 -16.56 12.73
CA ARG A 173 -14.50 -17.68 12.47
C ARG A 173 -14.52 -17.96 10.97
N ARG A 174 -13.37 -18.32 10.42
CA ARG A 174 -13.31 -18.70 9.02
C ARG A 174 -12.39 -19.90 8.83
N ARG A 175 -12.74 -20.75 7.88
CA ARG A 175 -11.83 -21.78 7.45
C ARG A 175 -10.99 -21.25 6.31
N TRP A 176 -9.67 -21.31 6.52
CA TRP A 176 -8.68 -20.95 5.52
C TRP A 176 -7.83 -22.14 5.11
N ARG A 177 -7.68 -22.31 3.81
CA ARG A 177 -6.84 -23.34 3.26
C ARG A 177 -5.80 -22.71 2.34
N VAL A 178 -4.60 -23.25 2.38
CA VAL A 178 -3.50 -22.77 1.56
C VAL A 178 -2.78 -23.98 1.00
N GLY A 179 -2.60 -23.97 -0.32
CA GLY A 179 -1.85 -25.00 -1.03
C GLY A 179 -0.44 -24.54 -1.35
N GLU A 180 0.33 -25.43 -1.97
CA GLU A 180 1.74 -25.18 -2.27
C GLU A 180 1.90 -24.33 -3.53
N LYS A 181 3.04 -23.67 -3.66
CA LYS A 181 3.33 -22.84 -4.82
C LYS A 181 3.21 -23.64 -6.10
N LEU A 182 2.44 -23.11 -7.06
CA LEU A 182 2.18 -23.79 -8.32
C LEU A 182 3.31 -23.60 -9.32
N LEU A 194 -5.46 -15.81 -11.70
CA LEU A 194 -5.97 -15.51 -10.38
C LEU A 194 -6.68 -16.71 -9.78
N GLN A 195 -7.89 -17.00 -10.29
CA GLN A 195 -8.74 -18.07 -9.76
C GLN A 195 -8.29 -19.46 -10.21
N VAL A 196 -7.82 -20.27 -9.27
CA VAL A 196 -7.18 -21.54 -9.58
C VAL A 196 -8.09 -22.76 -9.42
N ASP A 197 -7.62 -23.89 -9.94
CA ASP A 197 -8.28 -25.17 -9.75
C ASP A 197 -8.20 -25.59 -8.28
N PRO A 198 -9.02 -26.56 -7.86
CA PRO A 198 -8.94 -27.09 -6.48
C PRO A 198 -7.55 -27.64 -6.16
N PHE A 199 -7.07 -27.37 -4.94
CA PHE A 199 -5.72 -27.75 -4.56
C PHE A 199 -5.71 -28.64 -3.32
N GLU A 200 -4.63 -29.40 -3.16
CA GLU A 200 -4.37 -30.13 -1.92
C GLU A 200 -3.75 -29.16 -0.93
N ALA A 201 -4.43 -28.93 0.20
CA ALA A 201 -4.01 -27.94 1.18
C ALA A 201 -2.77 -28.37 1.97
N ILE A 202 -1.89 -27.43 2.29
CA ILE A 202 -0.79 -27.69 3.20
C ILE A 202 -1.07 -26.99 4.52
N ILE A 203 -2.01 -26.05 4.48
CA ILE A 203 -2.54 -25.47 5.70
C ILE A 203 -4.05 -25.46 5.58
N ASP A 204 -4.74 -25.95 6.61
CA ASP A 204 -6.19 -26.03 6.61
C ASP A 204 -6.63 -25.78 8.04
N GLU A 205 -7.00 -24.54 8.32
CA GLU A 205 -7.18 -24.10 9.70
C GLU A 205 -8.44 -23.28 9.91
N GLU A 206 -9.03 -23.42 11.09
CA GLU A 206 -10.07 -22.50 11.52
C GLU A 206 -9.43 -21.34 12.28
N LEU A 207 -9.55 -20.15 11.74
CA LEU A 207 -9.01 -18.96 12.37
C LEU A 207 -9.95 -18.43 13.46
N GLU A 208 -9.36 -18.02 14.57
CA GLU A 208 -10.10 -17.42 15.68
C GLU A 208 -9.66 -15.96 15.83
N PRO A 209 -10.49 -15.13 16.49
CA PRO A 209 -10.12 -13.71 16.69
C PRO A 209 -8.69 -13.53 17.20
N GLY A 210 -7.84 -12.90 16.39
CA GLY A 210 -6.46 -12.63 16.77
C GLY A 210 -5.48 -13.51 16.03
N ASP A 211 -5.97 -14.58 15.42
CA ASP A 211 -5.14 -15.36 14.52
C ASP A 211 -4.84 -14.58 13.25
N ILE A 212 -3.65 -14.81 12.70
CA ILE A 212 -3.22 -14.18 11.46
C ILE A 212 -2.65 -15.22 10.51
N LEU A 213 -3.16 -15.24 9.29
CA LEU A 213 -2.64 -16.11 8.25
C LEU A 213 -1.73 -15.33 7.31
N TYR A 214 -0.44 -15.67 7.30
CA TYR A 214 0.49 -15.06 6.36
C TYR A 214 0.63 -15.91 5.11
N ILE A 215 0.52 -15.26 3.96
CA ILE A 215 0.69 -15.92 2.67
C ILE A 215 1.64 -15.16 1.75
N PRO A 216 2.74 -15.81 1.34
CA PRO A 216 3.65 -15.28 0.34
C PRO A 216 2.95 -15.30 -1.02
N PRO A 217 3.45 -14.53 -1.99
CA PRO A 217 2.88 -14.55 -3.35
C PRO A 217 2.89 -15.95 -3.97
N GLY A 218 1.84 -16.30 -4.70
CA GLY A 218 1.87 -17.50 -5.52
C GLY A 218 1.36 -18.75 -4.82
N PHE A 219 1.01 -18.63 -3.53
CA PHE A 219 0.41 -19.74 -2.82
C PHE A 219 -1.10 -19.66 -2.95
N PRO A 220 -1.70 -20.68 -3.59
CA PRO A 220 -3.16 -20.70 -3.74
C PRO A 220 -3.80 -20.72 -2.38
N HIS A 221 -4.94 -20.04 -2.24
CA HIS A 221 -5.66 -20.04 -0.98
C HIS A 221 -7.17 -19.88 -1.15
N GLU A 222 -7.88 -20.23 -0.09
CA GLU A 222 -9.33 -20.27 -0.13
C GLU A 222 -9.86 -20.07 1.27
N GLY A 223 -10.77 -19.12 1.44
CA GLY A 223 -11.29 -18.82 2.76
C GLY A 223 -12.79 -18.64 2.73
N TYR A 224 -13.47 -19.20 3.73
CA TYR A 224 -14.90 -18.92 3.88
C TYR A 224 -15.33 -18.90 5.34
N ALA A 225 -16.39 -18.15 5.63
CA ALA A 225 -16.84 -17.97 7.01
C ALA A 225 -17.57 -19.20 7.56
N LEU A 226 -17.38 -19.44 8.85
CA LEU A 226 -18.15 -20.46 9.57
C LEU A 226 -19.21 -19.75 10.39
N GLU A 227 -18.86 -18.56 10.87
CA GLU A 227 -19.74 -17.69 11.62
C GLU A 227 -19.49 -16.29 11.06
N ASN A 228 -20.46 -15.38 11.16
CA ASN A 228 -20.28 -14.00 10.68
C ASN A 228 -18.92 -13.48 11.06
N ALA A 229 -18.14 -13.12 10.06
CA ALA A 229 -16.71 -12.97 10.24
C ALA A 229 -16.17 -11.70 9.63
N MET A 230 -15.25 -11.07 10.35
CA MET A 230 -14.52 -9.94 9.82
C MET A 230 -13.08 -10.39 9.60
N ASN A 231 -12.56 -10.13 8.41
CA ASN A 231 -11.16 -10.38 8.11
C ASN A 231 -10.50 -9.06 7.70
N TYR A 232 -9.27 -8.86 8.13
CA TYR A 232 -8.51 -7.65 7.86
C TYR A 232 -7.21 -8.02 7.17
N SER A 233 -7.11 -7.72 5.87
CA SER A 233 -5.93 -8.07 5.09
C SER A 233 -4.96 -6.91 4.97
N VAL A 234 -3.85 -7.03 5.70
CA VAL A 234 -2.75 -6.09 5.54
C VAL A 234 -1.99 -6.59 4.34
N GLY A 235 -2.14 -5.87 3.24
CA GLY A 235 -1.55 -6.28 1.97
C GLY A 235 -0.20 -5.65 1.74
N PHE A 236 0.63 -6.34 0.96
CA PHE A 236 1.88 -5.77 0.55
C PHE A 236 1.84 -5.54 -0.96
N ARG A 237 2.86 -4.88 -1.49
CA ARG A 237 2.94 -4.58 -2.91
C ARG A 237 4.40 -4.51 -3.30
N ALA A 238 4.69 -4.99 -4.49
CA ALA A 238 6.05 -5.00 -5.00
C ALA A 238 5.95 -4.70 -6.48
N PRO A 239 6.80 -3.79 -6.97
CA PRO A 239 6.72 -3.45 -8.39
C PRO A 239 7.22 -4.60 -9.26
N ASN A 240 6.68 -4.71 -10.47
CA ASN A 240 7.33 -5.55 -11.45
C ASN A 240 8.16 -4.68 -12.43
N THR A 241 8.96 -5.34 -13.26
CA THR A 241 9.93 -4.64 -14.10
C THR A 241 9.21 -3.78 -15.14
N ARG A 242 8.06 -4.25 -15.58
CA ARG A 242 7.23 -3.52 -16.52
C ARG A 242 6.79 -2.17 -15.94
N GLU A 243 6.31 -2.20 -14.70
CA GLU A 243 5.88 -0.99 -14.01
C GLU A 243 7.06 -0.03 -13.82
N LEU A 244 8.23 -0.58 -13.51
CA LEU A 244 9.42 0.21 -13.31
C LEU A 244 9.83 0.93 -14.59
N ILE A 245 9.95 0.19 -15.70
CA ILE A 245 10.42 0.83 -16.93
C ILE A 245 9.39 1.78 -17.51
N SER A 246 8.11 1.43 -17.37
CA SER A 246 7.04 2.34 -17.75
C SER A 246 7.12 3.65 -16.97
N GLY A 247 7.18 3.54 -15.64
CA GLY A 247 7.24 4.71 -14.79
C GLY A 247 8.44 5.58 -15.13
N PHE A 248 9.61 4.96 -15.20
CA PHE A 248 10.83 5.68 -15.49
C PHE A 248 10.78 6.36 -16.85
N ALA A 249 10.21 5.68 -17.84
CA ALA A 249 10.01 6.28 -19.16
C ALA A 249 9.08 7.51 -19.10
N ASP A 250 8.00 7.41 -18.32
CA ASP A 250 7.09 8.55 -18.16
C ASP A 250 7.85 9.72 -17.55
N TYR A 251 8.67 9.42 -16.55
CA TYR A 251 9.48 10.43 -15.87
C TYR A 251 10.43 11.12 -16.85
N VAL A 252 11.09 10.33 -17.68
CA VAL A 252 12.06 10.85 -18.63
C VAL A 252 11.39 11.73 -19.70
N LEU A 253 10.22 11.29 -20.16
CA LEU A 253 9.44 12.09 -21.12
C LEU A 253 9.04 13.41 -20.50
N GLN A 254 8.44 13.33 -19.31
CA GLN A 254 7.98 14.53 -18.60
C GLN A 254 9.11 15.54 -18.38
N ARG A 255 10.26 15.09 -17.86
CA ARG A 255 11.37 15.99 -17.55
C ARG A 255 12.26 16.33 -18.74
N GLU A 256 11.95 15.76 -19.91
CA GLU A 256 12.74 15.97 -21.13
C GLU A 256 14.20 15.56 -20.95
N LEU A 257 14.42 14.48 -20.20
CA LEU A 257 15.76 13.94 -20.00
C LEU A 257 16.09 13.04 -21.18
N GLY A 258 17.32 12.53 -21.22
CA GLY A 258 17.72 11.60 -22.27
C GLY A 258 17.73 12.22 -23.65
N GLY A 259 18.08 13.50 -23.72
CA GLY A 259 18.10 14.20 -24.98
C GLY A 259 19.35 13.96 -25.80
N ASN A 260 20.23 13.08 -25.32
CA ASN A 260 21.46 12.78 -26.05
C ASN A 260 21.22 11.84 -27.24
N TYR A 261 21.67 12.25 -28.42
CA TYR A 261 21.50 11.45 -29.63
C TYR A 261 22.65 10.47 -29.83
N TYR A 262 22.29 9.28 -30.29
CA TYR A 262 23.26 8.33 -30.81
C TYR A 262 24.19 9.05 -31.77
N SER A 263 25.49 8.80 -31.66
CA SER A 263 26.49 9.51 -32.42
C SER A 263 27.49 8.50 -32.97
N ASP A 264 27.82 8.59 -34.25
CA ASP A 264 28.70 7.57 -34.84
C ASP A 264 29.76 8.12 -35.79
N PRO A 265 30.67 8.95 -35.28
CA PRO A 265 31.76 9.44 -36.13
C PRO A 265 32.63 8.27 -36.59
N ASP A 266 32.53 7.15 -35.86
CA ASP A 266 33.23 5.93 -36.18
C ASP A 266 32.28 4.85 -36.73
N VAL A 267 31.30 5.28 -37.52
CA VAL A 267 30.36 4.36 -38.14
C VAL A 267 31.05 3.18 -38.82
N PRO A 268 30.76 1.95 -38.35
CA PRO A 268 31.42 0.74 -38.86
C PRO A 268 30.96 0.39 -40.26
N PRO A 269 31.84 -0.29 -41.03
CA PRO A 269 31.54 -0.71 -42.40
C PRO A 269 30.69 -1.97 -42.39
N ARG A 270 29.95 -2.20 -43.48
CA ARG A 270 29.10 -3.37 -43.56
C ARG A 270 29.03 -3.81 -45.01
N ALA A 271 28.82 -5.09 -45.23
CA ALA A 271 28.70 -5.62 -46.58
C ALA A 271 27.32 -5.29 -47.13
N HIS A 272 26.36 -5.10 -46.23
CA HIS A 272 24.99 -4.83 -46.65
C HIS A 272 24.41 -3.60 -45.94
N PRO A 273 24.00 -2.61 -46.74
CA PRO A 273 23.59 -1.30 -46.20
C PRO A 273 22.33 -1.36 -45.33
N ALA A 274 21.49 -2.37 -45.51
CA ALA A 274 20.31 -2.50 -44.66
C ALA A 274 20.58 -3.14 -43.31
N ASP A 275 21.81 -3.59 -43.07
CA ASP A 275 22.12 -4.28 -41.80
C ASP A 275 22.24 -3.30 -40.63
N VAL A 276 21.89 -3.79 -39.45
CA VAL A 276 22.18 -3.10 -38.21
C VAL A 276 23.13 -4.01 -37.44
N LEU A 277 24.36 -3.57 -37.23
CA LEU A 277 25.40 -4.42 -36.63
C LEU A 277 25.26 -4.54 -35.10
N PRO A 278 25.75 -5.65 -34.53
CA PRO A 278 25.73 -5.82 -33.08
C PRO A 278 26.44 -4.70 -32.29
N GLN A 279 27.50 -4.10 -32.82
CA GLN A 279 28.16 -3.02 -32.07
C GLN A 279 27.30 -1.77 -31.93
N GLU A 280 26.48 -1.51 -32.95
CA GLU A 280 25.58 -0.36 -32.94
C GLU A 280 24.46 -0.61 -31.93
N MET A 281 23.94 -1.83 -31.96
CA MET A 281 22.92 -2.29 -31.02
C MET A 281 23.42 -2.16 -29.60
N ASP A 282 24.64 -2.64 -29.39
CA ASP A 282 25.30 -2.57 -28.09
C ASP A 282 25.43 -1.14 -27.62
N LYS A 283 25.78 -0.23 -28.54
CA LYS A 283 25.87 1.18 -28.21
C LYS A 283 24.54 1.82 -27.80
N LEU A 284 23.49 1.57 -28.58
CA LEU A 284 22.15 2.06 -28.23
C LEU A 284 21.69 1.52 -26.85
N ARG A 285 21.89 0.23 -26.65
CA ARG A 285 21.54 -0.44 -25.41
C ARG A 285 22.29 0.24 -24.26
N GLU A 286 23.56 0.50 -24.48
CA GLU A 286 24.41 1.12 -23.47
C GLU A 286 23.93 2.53 -23.13
N MET A 287 23.43 3.26 -24.13
CA MET A 287 22.81 4.56 -23.87
C MET A 287 21.64 4.40 -22.93
N MET A 288 20.78 3.44 -23.22
CA MET A 288 19.65 3.16 -22.34
C MET A 288 20.07 2.85 -20.88
N LEU A 289 21.01 1.92 -20.74
CA LEU A 289 21.47 1.49 -19.42
C LEU A 289 22.09 2.67 -18.67
N GLU A 290 22.80 3.52 -19.40
CA GLU A 290 23.51 4.64 -18.82
C GLU A 290 22.52 5.68 -18.32
N LEU A 291 21.48 5.95 -19.11
CA LEU A 291 20.43 6.84 -18.63
C LEU A 291 19.82 6.27 -17.35
N ILE A 292 19.58 4.96 -17.32
CA ILE A 292 19.04 4.35 -16.09
C ILE A 292 20.00 4.46 -14.88
N ASN A 293 21.31 4.43 -15.15
CA ASN A 293 22.30 4.47 -14.08
C ASN A 293 22.77 5.87 -13.62
N GLN A 294 22.16 6.93 -14.14
CA GLN A 294 22.36 8.25 -13.57
C GLN A 294 21.69 8.28 -12.20
N PRO A 295 22.48 8.18 -11.11
CA PRO A 295 22.03 7.81 -9.76
C PRO A 295 21.02 8.76 -9.11
N GLU A 296 21.25 10.06 -9.24
CA GLU A 296 20.37 11.05 -8.63
C GLU A 296 19.01 11.05 -9.31
N HIS A 297 19.01 11.03 -10.63
CA HIS A 297 17.76 10.93 -11.38
C HIS A 297 17.02 9.64 -11.04
N PHE A 298 17.75 8.54 -10.94
CA PHE A 298 17.15 7.26 -10.57
C PHE A 298 16.44 7.39 -9.24
N LYS A 299 17.15 7.92 -8.25
CA LYS A 299 16.58 8.11 -6.92
C LYS A 299 15.33 9.00 -6.93
N GLN A 300 15.39 10.13 -7.62
CA GLN A 300 14.24 11.03 -7.64
C GLN A 300 13.02 10.38 -8.29
N TRP A 301 13.25 9.78 -9.45
CA TRP A 301 12.17 9.09 -10.14
C TRP A 301 11.57 8.02 -9.23
N PHE A 302 12.41 7.21 -8.61
CA PHE A 302 11.84 6.12 -7.82
C PHE A 302 11.10 6.63 -6.59
N GLY A 303 11.63 7.68 -5.97
CA GLY A 303 10.96 8.30 -4.85
C GLY A 303 9.57 8.76 -5.26
N GLU A 304 9.47 9.39 -6.43
CA GLU A 304 8.16 9.86 -6.89
C GLU A 304 7.21 8.72 -7.25
N PHE A 305 7.76 7.68 -7.86
CA PHE A 305 7.01 6.53 -8.34
C PHE A 305 6.43 5.75 -7.17
N ILE A 306 7.29 5.35 -6.23
CA ILE A 306 6.93 4.40 -5.20
C ILE A 306 6.06 5.01 -4.10
N SER A 307 6.13 6.32 -3.94
CA SER A 307 5.39 7.00 -2.89
C SER A 307 3.97 7.32 -3.31
N GLN A 308 3.56 6.82 -4.47
CA GLN A 308 2.17 6.93 -4.88
C GLN A 308 1.37 5.74 -4.36
N SER A 309 0.10 5.97 -4.05
CA SER A 309 -0.73 4.89 -3.51
C SER A 309 -1.49 4.16 -4.62
N ARG A 310 -1.85 2.91 -4.36
N ARG A 310 -1.84 2.90 -4.36
CA ARG A 310 -2.60 2.12 -5.33
CA ARG A 310 -2.60 2.12 -5.33
C ARG A 310 -4.11 2.35 -5.23
C ARG A 310 -4.11 2.36 -5.23
N HIS A 311 -4.53 3.12 -4.23
CA HIS A 311 -5.95 3.37 -4.03
C HIS A 311 -6.22 4.84 -3.73
N GLU A 312 -7.40 5.30 -4.11
CA GLU A 312 -7.81 6.68 -3.93
C GLU A 312 -7.68 7.16 -2.49
N LEU A 313 -7.10 8.35 -2.33
CA LEU A 313 -6.94 8.94 -1.01
C LEU A 313 -8.05 9.93 -0.73
N ASP A 314 -8.29 10.19 0.55
CA ASP A 314 -9.31 11.14 0.96
C ASP A 314 -8.71 12.55 1.01
N ILE A 315 -8.44 13.10 -0.17
CA ILE A 315 -7.82 14.42 -0.29
C ILE A 315 -8.84 15.53 -0.09
N ALA A 316 -8.77 16.21 1.05
CA ALA A 316 -9.64 17.34 1.35
C ALA A 316 -8.81 18.59 1.67
N PRO A 317 -8.46 19.38 0.64
CA PRO A 317 -7.68 20.59 0.86
C PRO A 317 -8.42 21.57 1.76
N PRO A 318 -7.76 22.10 2.80
CA PRO A 318 -8.39 23.08 3.69
C PRO A 318 -8.73 24.39 2.97
N GLU A 319 -9.84 25.00 3.34
CA GLU A 319 -10.23 26.31 2.83
C GLU A 319 -10.75 27.17 3.97
N PRO A 320 -10.14 28.35 4.18
CA PRO A 320 -9.05 28.89 3.37
C PRO A 320 -7.74 28.18 3.69
N PRO A 321 -6.75 28.25 2.78
CA PRO A 321 -5.47 27.57 2.97
C PRO A 321 -4.75 28.07 4.22
N TYR A 322 -3.93 27.22 4.80
CA TYR A 322 -3.12 27.61 5.94
C TYR A 322 -1.95 28.50 5.52
N GLN A 323 -1.76 29.60 6.24
CA GLN A 323 -0.56 30.39 6.11
C GLN A 323 0.49 29.72 6.99
N PRO A 324 1.78 29.85 6.63
CA PRO A 324 2.88 29.26 7.40
C PRO A 324 2.81 29.59 8.89
N ASP A 325 2.35 30.80 9.19
CA ASP A 325 2.25 31.25 10.57
C ASP A 325 1.26 30.43 11.37
N GLU A 326 0.16 30.04 10.74
CA GLU A 326 -0.83 29.22 11.40
C GLU A 326 -0.24 27.87 11.77
N ILE A 327 0.51 27.28 10.84
CA ILE A 327 1.18 26.00 11.05
C ILE A 327 2.13 26.11 12.23
N TYR A 328 2.93 27.16 12.19
CA TYR A 328 3.86 27.44 13.28
C TYR A 328 3.12 27.50 14.62
N ASP A 329 2.13 28.39 14.72
CA ASP A 329 1.38 28.60 15.95
C ASP A 329 0.73 27.34 16.48
N ALA A 330 0.07 26.61 15.59
CA ALA A 330 -0.66 25.41 15.93
C ALA A 330 0.31 24.40 16.50
N LEU A 331 1.45 24.21 15.83
CA LEU A 331 2.46 23.29 16.33
C LEU A 331 3.00 23.70 17.71
N LYS A 332 3.30 24.99 17.84
CA LYS A 332 3.85 25.54 19.08
C LYS A 332 2.88 25.44 20.23
N GLN A 333 1.59 25.45 19.92
CA GLN A 333 0.56 25.40 20.95
C GLN A 333 0.30 23.97 21.40
N GLY A 334 0.93 23.01 20.71
CA GLY A 334 0.91 21.63 21.12
C GLY A 334 0.02 20.74 20.26
N GLU A 335 -0.45 21.29 19.15
CA GLU A 335 -1.37 20.54 18.30
C GLU A 335 -0.64 19.44 17.54
N VAL A 336 -1.39 18.41 17.17
CA VAL A 336 -0.83 17.25 16.52
C VAL A 336 -1.09 17.30 15.03
N LEU A 337 -0.02 17.19 14.24
CA LEU A 337 -0.12 17.13 12.79
C LEU A 337 -0.21 15.67 12.37
N VAL A 338 -1.35 15.29 11.78
CA VAL A 338 -1.64 13.91 11.43
C VAL A 338 -1.50 13.62 9.92
N ARG A 339 -0.73 12.60 9.58
CA ARG A 339 -0.63 12.18 8.18
C ARG A 339 -1.96 11.61 7.72
N LEU A 340 -2.33 11.92 6.48
CA LEU A 340 -3.56 11.39 5.90
C LEU A 340 -3.45 9.87 5.77
N GLY A 341 -4.54 9.17 6.02
CA GLY A 341 -4.53 7.71 5.99
C GLY A 341 -4.20 7.17 4.61
N GLY A 342 -3.23 6.28 4.57
CA GLY A 342 -2.82 5.64 3.33
C GLY A 342 -1.80 6.44 2.55
N LEU A 343 -1.53 7.66 2.99
CA LEU A 343 -0.57 8.54 2.33
C LEU A 343 0.83 7.95 2.47
N ARG A 344 1.50 7.74 1.33
CA ARG A 344 2.84 7.16 1.40
C ARG A 344 3.94 8.21 1.50
N VAL A 345 4.82 8.03 2.47
CA VAL A 345 5.89 8.98 2.76
C VAL A 345 7.18 8.21 3.01
N LEU A 346 8.15 8.35 2.11
CA LEU A 346 9.33 7.50 2.16
C LEU A 346 10.63 8.27 2.03
N ARG A 347 11.64 7.85 2.78
CA ARG A 347 12.92 8.53 2.68
C ARG A 347 13.82 7.80 1.69
N ILE A 348 14.36 8.56 0.74
CA ILE A 348 15.32 8.05 -0.23
C ILE A 348 16.52 8.99 -0.27
N GLY A 349 17.65 8.52 0.26
CA GLY A 349 18.81 9.36 0.46
C GLY A 349 18.51 10.44 1.49
N ASP A 350 18.63 11.69 1.07
CA ASP A 350 18.42 12.82 1.96
C ASP A 350 17.03 13.40 1.78
N ASP A 351 16.36 12.99 0.71
CA ASP A 351 15.05 13.52 0.37
C ASP A 351 13.90 12.65 0.87
N VAL A 352 12.74 13.29 1.08
CA VAL A 352 11.56 12.56 1.45
C VAL A 352 10.55 12.66 0.30
N TYR A 353 9.76 11.62 0.07
CA TYR A 353 8.78 11.65 -1.00
C TYR A 353 7.39 11.34 -0.45
N ALA A 354 6.47 12.28 -0.65
CA ALA A 354 5.10 12.11 -0.19
C ALA A 354 4.14 12.18 -1.37
N ASN A 355 3.35 11.11 -1.54
CA ASN A 355 2.37 10.99 -2.61
C ASN A 355 2.86 11.51 -3.96
N GLY A 356 4.05 11.11 -4.37
CA GLY A 356 4.58 11.51 -5.67
C GLY A 356 5.40 12.79 -5.68
N GLU A 357 5.31 13.59 -4.61
CA GLU A 357 6.03 14.86 -4.54
C GLU A 357 7.34 14.75 -3.77
N LYS A 358 8.40 15.31 -4.33
CA LYS A 358 9.69 15.35 -3.64
C LYS A 358 9.72 16.47 -2.61
N ILE A 359 10.39 16.21 -1.50
CA ILE A 359 10.53 17.12 -0.38
C ILE A 359 12.00 17.18 0.02
N ASP A 360 12.58 18.37 -0.08
CA ASP A 360 14.01 18.57 0.13
C ASP A 360 14.17 19.67 1.17
N SER A 361 15.01 19.43 2.17
CA SER A 361 15.24 20.42 3.20
C SER A 361 16.52 20.10 3.96
N PRO A 362 17.31 21.15 4.27
CA PRO A 362 18.56 20.94 5.00
C PRO A 362 18.32 20.64 6.48
N HIS A 363 17.06 20.44 6.85
CA HIS A 363 16.70 20.00 8.20
C HIS A 363 16.40 18.52 8.19
N ARG A 364 17.45 17.73 8.28
CA ARG A 364 17.33 16.28 8.13
C ARG A 364 16.42 15.58 9.17
N PRO A 365 16.67 15.79 10.47
CA PRO A 365 15.81 15.13 11.47
C PRO A 365 14.32 15.44 11.35
N ALA A 366 13.97 16.68 11.03
CA ALA A 366 12.57 17.05 10.87
C ALA A 366 11.91 16.30 9.72
N LEU A 367 12.62 16.25 8.59
CA LEU A 367 12.17 15.53 7.42
C LEU A 367 11.98 14.04 7.71
N ASP A 368 13.00 13.46 8.34
CA ASP A 368 12.92 12.07 8.74
C ASP A 368 11.71 11.88 9.64
N ALA A 369 11.40 12.89 10.44
CA ALA A 369 10.21 12.84 11.28
C ALA A 369 8.95 12.75 10.43
N LEU A 370 8.91 13.56 9.37
CA LEU A 370 7.81 13.48 8.41
C LEU A 370 7.64 12.07 7.83
N ALA A 371 8.77 11.41 7.57
CA ALA A 371 8.67 10.06 6.99
C ALA A 371 8.26 8.98 8.00
N SER A 372 8.87 8.98 9.17
CA SER A 372 8.67 7.91 10.14
C SER A 372 7.38 8.02 11.00
N ASN A 373 7.02 9.24 11.37
CA ASN A 373 5.91 9.46 12.30
C ASN A 373 4.58 9.75 11.63
N ILE A 374 3.55 9.01 12.02
CA ILE A 374 2.19 9.23 11.52
C ILE A 374 1.61 10.50 12.14
N ALA A 375 1.86 10.68 13.43
CA ALA A 375 1.41 11.86 14.15
C ALA A 375 2.63 12.65 14.58
N LEU A 376 2.56 13.97 14.43
CA LEU A 376 3.73 14.80 14.68
C LEU A 376 3.44 15.97 15.62
N THR A 377 4.43 16.35 16.40
CA THR A 377 4.36 17.51 17.29
C THR A 377 5.62 18.33 17.10
N ALA A 378 5.63 19.54 17.67
CA ALA A 378 6.73 20.50 17.51
C ALA A 378 8.12 19.90 17.81
N GLU A 379 8.20 19.09 18.86
CA GLU A 379 9.42 18.40 19.25
C GLU A 379 10.02 17.59 18.11
N ASN A 380 9.17 17.03 17.27
CA ASN A 380 9.64 16.22 16.15
C ASN A 380 10.42 17.03 15.12
N PHE A 381 10.12 18.32 15.05
CA PHE A 381 10.74 19.21 14.09
C PHE A 381 11.89 20.01 14.67
N GLY A 382 11.81 20.31 15.96
CA GLY A 382 12.85 21.09 16.60
C GLY A 382 13.05 22.47 15.99
N ASP A 383 14.31 22.83 15.73
CA ASP A 383 14.63 24.18 15.27
C ASP A 383 14.16 24.45 13.84
N ALA A 384 13.85 23.39 13.10
CA ALA A 384 13.33 23.52 11.74
C ALA A 384 12.12 24.45 11.64
N LEU A 385 11.33 24.54 12.72
CA LEU A 385 10.17 25.43 12.73
C LEU A 385 10.54 26.92 12.68
N GLU A 386 11.80 27.23 12.94
CA GLU A 386 12.26 28.62 12.88
C GLU A 386 12.70 28.96 11.45
N ASP A 387 12.80 27.93 10.62
CA ASP A 387 13.16 28.11 9.22
C ASP A 387 11.88 28.28 8.40
N PRO A 388 11.65 29.50 7.88
CA PRO A 388 10.42 29.83 7.18
C PRO A 388 10.23 29.05 5.88
N SER A 389 11.32 28.68 5.23
CA SER A 389 11.26 27.84 4.04
C SER A 389 10.64 26.46 4.37
N PHE A 390 11.11 25.89 5.47
CA PHE A 390 10.54 24.66 6.01
C PHE A 390 9.07 24.82 6.38
N LEU A 391 8.74 25.92 7.04
CA LEU A 391 7.37 26.19 7.46
C LEU A 391 6.46 26.26 6.24
N ALA A 392 6.93 26.91 5.18
CA ALA A 392 6.14 27.09 3.96
C ALA A 392 5.94 25.74 3.32
N MET A 393 6.97 24.91 3.45
CA MET A 393 6.90 23.56 2.93
C MET A 393 5.78 22.75 3.64
N LEU A 394 5.80 22.77 4.97
CA LEU A 394 4.73 22.16 5.77
C LEU A 394 3.36 22.72 5.39
N ALA A 395 3.27 24.05 5.22
CA ALA A 395 2.02 24.68 4.84
C ALA A 395 1.53 24.15 3.50
N ALA A 396 2.45 23.94 2.56
CA ALA A 396 2.08 23.43 1.24
C ALA A 396 1.55 22.02 1.37
N LEU A 397 2.24 21.20 2.15
CA LEU A 397 1.78 19.83 2.36
C LEU A 397 0.38 19.77 2.99
N VAL A 398 0.15 20.62 4.01
CA VAL A 398 -1.14 20.65 4.70
C VAL A 398 -2.24 21.13 3.76
N ASN A 399 -1.92 22.17 2.98
CA ASN A 399 -2.88 22.77 2.06
C ASN A 399 -3.23 21.83 0.90
N SER A 400 -2.35 20.88 0.63
CA SER A 400 -2.64 19.84 -0.33
C SER A 400 -3.56 18.79 0.30
N GLY A 401 -3.71 18.85 1.62
CA GLY A 401 -4.51 17.86 2.34
C GLY A 401 -3.77 16.59 2.71
N TYR A 402 -2.43 16.65 2.67
CA TYR A 402 -1.60 15.48 2.91
C TYR A 402 -1.40 15.22 4.41
N TRP A 403 -1.43 16.30 5.18
CA TRP A 403 -1.40 16.25 6.63
C TRP A 403 -2.48 17.21 7.08
N PHE A 404 -3.08 16.92 8.23
CA PHE A 404 -4.14 17.79 8.74
C PHE A 404 -3.98 17.92 10.24
N PHE A 405 -4.44 19.03 10.81
CA PHE A 405 -4.37 19.18 12.25
C PHE A 405 -5.49 18.44 12.96
N GLU A 406 -5.09 17.42 13.73
CA GLU A 406 -5.99 16.82 14.72
C GLU A 406 -7.17 16.04 14.15
N GLY A 407 -7.78 16.54 13.07
CA GLY A 407 -8.91 15.87 12.45
C GLY A 407 -10.15 16.73 12.35
#